data_1TFD
#
_entry.id   1TFD
#
_cell.length_a   67.060
_cell.length_b   67.060
_cell.length_c   138.330
_cell.angle_alpha   90.00
_cell.angle_beta   90.00
_cell.angle_gamma   120.00
#
_symmetry.space_group_name_H-M   'P 31 2 1'
#
loop_
_entity.id
_entity.type
_entity.pdbx_description
1 polymer TRANSFERRIN
2 non-polymer 'CARBONATE ION'
3 non-polymer 'FE (III) ION'
#
_entity_poly.entity_id   1
_entity_poly.type   'polypeptide(L)'
_entity_poly.pdbx_seq_one_letter_code
;VTEKTVRWCAVNDHEASKCANFRDSMKKVLPEDGPRIICVKKASYLDCIKAIAAHEADAVTLDAGLVHEAGLTPNNLKPV
VAEFYGSKENPKTFYYAVALVKKGSNFQLNELQGKKSCHTGLGRSAGWNIPIGLLYCDLPEPRKPLEKAVASFFSGSCVP
CADGADFPQLCQLCPGCGCSSSQPYFGYSGAFKCLKDGLGDVAFVKQETIFENLPSKDERDQYELLCLDNTRKPVDEYEQ
CHLARVPSHAVVARSVDGKEDLIWELLNQAQEHFGKDKSGDFQLFSSPHGKNLLFKDSAYGFFK
;
_entity_poly.pdbx_strand_id   A
#
# COMPACT_ATOMS: atom_id res chain seq x y z
N VAL A 6 15.44 -17.25 5.27
CA VAL A 6 14.35 -16.43 4.74
C VAL A 6 14.76 -15.62 3.51
N ARG A 7 14.05 -16.00 2.45
CA ARG A 7 14.16 -15.44 1.10
C ARG A 7 13.00 -14.47 0.84
N TRP A 8 13.20 -13.23 1.24
CA TRP A 8 12.17 -12.18 1.07
C TRP A 8 11.97 -11.87 -0.41
N CYS A 9 10.70 -11.70 -0.78
CA CYS A 9 10.33 -11.40 -2.17
C CYS A 9 10.21 -9.89 -2.37
N ALA A 10 11.15 -9.39 -3.16
CA ALA A 10 11.21 -7.98 -3.51
C ALA A 10 10.50 -7.75 -4.85
N VAL A 11 9.59 -6.81 -4.82
CA VAL A 11 8.81 -6.45 -6.00
C VAL A 11 9.55 -5.41 -6.83
N ASN A 12 10.41 -5.94 -7.67
CA ASN A 12 11.20 -5.19 -8.65
C ASN A 12 12.43 -4.47 -8.05
N ASP A 13 13.01 -3.68 -8.93
CA ASP A 13 14.29 -2.96 -8.76
C ASP A 13 14.45 -2.14 -7.45
N HIS A 14 13.63 -1.14 -7.22
CA HIS A 14 13.80 -0.29 -6.01
C HIS A 14 13.68 -1.10 -4.71
N GLU A 15 12.75 -2.03 -4.71
CA GLU A 15 12.54 -2.87 -3.53
C GLU A 15 13.74 -3.83 -3.37
N ALA A 16 14.21 -4.30 -4.50
CA ALA A 16 15.36 -5.21 -4.56
C ALA A 16 16.58 -4.56 -3.89
N SER A 17 16.65 -3.25 -4.06
CA SER A 17 17.75 -2.44 -3.54
C SER A 17 17.67 -2.32 -2.01
N LYS A 18 16.46 -2.13 -1.52
CA LYS A 18 16.24 -2.01 -0.07
C LYS A 18 16.46 -3.36 0.60
N CYS A 19 16.04 -4.42 -0.08
CA CYS A 19 16.21 -5.63 0.41
C CYS A 19 17.73 -6.01 0.62
N ALA A 20 18.46 -5.54 -0.37
CA ALA A 20 19.92 -5.64 -0.42
C ALA A 20 20.51 -5.03 0.85
N ASN A 21 19.95 -3.88 1.21
CA ASN A 21 20.36 -3.13 2.40
C ASN A 21 19.96 -3.88 3.67
N PHE A 22 18.72 -4.33 3.66
CA PHE A 22 18.12 -5.10 4.75
C PHE A 22 18.99 -6.33 5.06
N ARG A 23 19.48 -6.89 3.97
CA ARG A 23 20.29 -8.12 3.96
C ARG A 23 21.63 -8.00 4.73
N ASP A 24 22.45 -7.08 4.27
CA ASP A 24 23.83 -6.91 4.80
C ASP A 24 23.91 -6.35 6.24
N SER A 25 22.98 -5.50 6.61
CA SER A 25 23.00 -4.90 7.97
C SER A 25 22.69 -5.95 9.03
N MET A 26 21.72 -6.78 8.69
CA MET A 26 21.26 -7.86 9.56
C MET A 26 22.38 -8.90 9.71
N LYS A 27 23.19 -8.94 8.68
CA LYS A 27 24.35 -9.84 8.62
C LYS A 27 25.43 -9.33 9.56
N LYS A 28 25.27 -8.08 9.94
CA LYS A 28 26.18 -7.41 10.86
C LYS A 28 25.67 -7.51 12.30
N VAL A 29 24.40 -7.88 12.43
CA VAL A 29 23.75 -7.91 13.75
C VAL A 29 23.31 -9.34 14.20
N LEU A 30 22.54 -10.00 13.36
CA LEU A 30 21.99 -11.35 13.66
C LEU A 30 23.11 -12.35 14.01
N PRO A 31 22.95 -13.22 15.04
CA PRO A 31 23.97 -14.20 15.40
C PRO A 31 24.55 -14.80 14.17
N GLU A 32 25.65 -15.48 14.41
CA GLU A 32 26.35 -16.18 13.34
C GLU A 32 25.40 -17.24 12.79
N ASP A 33 24.40 -16.61 12.22
CA ASP A 33 23.31 -17.19 11.46
C ASP A 33 22.09 -16.27 11.51
N GLY A 34 21.25 -16.39 12.52
CA GLY A 34 20.04 -15.57 12.48
C GLY A 34 19.59 -15.61 11.03
N PRO A 35 18.33 -15.87 10.72
CA PRO A 35 17.82 -16.07 9.38
C PRO A 35 18.87 -15.77 8.34
N ARG A 36 19.14 -14.50 8.16
CA ARG A 36 20.11 -14.03 7.14
C ARG A 36 19.52 -14.36 5.76
N ILE A 37 18.72 -13.39 5.35
CA ILE A 37 17.85 -13.36 4.13
C ILE A 37 18.56 -13.53 2.78
N ILE A 38 17.67 -13.74 1.80
CA ILE A 38 17.98 -13.92 0.37
C ILE A 38 16.90 -13.23 -0.48
N CYS A 39 17.28 -12.07 -0.98
CA CYS A 39 16.39 -11.20 -1.77
C CYS A 39 15.99 -11.80 -3.12
N VAL A 40 14.78 -12.32 -3.15
CA VAL A 40 14.14 -12.82 -4.37
C VAL A 40 13.35 -11.63 -4.95
N LYS A 41 13.50 -11.39 -6.24
CA LYS A 41 12.85 -10.24 -6.92
C LYS A 41 11.78 -10.78 -7.91
N LYS A 42 10.59 -10.18 -7.88
CA LYS A 42 9.46 -10.61 -8.77
C LYS A 42 8.45 -9.62 -9.30
N ALA A 43 8.91 -8.65 -10.05
CA ALA A 43 8.06 -7.70 -10.84
C ALA A 43 6.65 -7.33 -10.26
N SER A 44 5.90 -8.28 -9.74
CA SER A 44 4.54 -8.00 -9.18
C SER A 44 4.36 -8.78 -7.89
N TYR A 45 3.34 -8.40 -7.13
CA TYR A 45 3.06 -9.00 -5.80
C TYR A 45 2.54 -10.45 -5.89
N LEU A 46 1.50 -10.65 -6.68
CA LEU A 46 0.90 -12.00 -6.86
C LEU A 46 1.94 -12.92 -7.50
N ASP A 47 2.91 -12.26 -8.12
CA ASP A 47 4.07 -12.93 -8.73
C ASP A 47 4.89 -13.53 -7.58
N CYS A 48 4.86 -12.76 -6.52
CA CYS A 48 5.53 -13.06 -5.25
C CYS A 48 4.70 -14.08 -4.47
N ILE A 49 3.41 -14.05 -4.76
CA ILE A 49 2.44 -14.96 -4.13
C ILE A 49 2.65 -16.38 -4.65
N LYS A 50 2.74 -16.46 -5.97
CA LYS A 50 2.93 -17.72 -6.68
C LYS A 50 4.33 -18.28 -6.36
N ALA A 51 5.23 -17.35 -6.12
CA ALA A 51 6.64 -17.66 -5.79
C ALA A 51 6.74 -18.38 -4.44
N ILE A 52 6.03 -17.82 -3.48
CA ILE A 52 6.00 -18.34 -2.10
C ILE A 52 5.37 -19.74 -2.09
N ALA A 53 4.20 -19.81 -2.72
CA ALA A 53 3.44 -21.07 -2.83
C ALA A 53 4.27 -22.11 -3.58
N ALA A 54 4.89 -21.63 -4.64
CA ALA A 54 5.75 -22.45 -5.52
C ALA A 54 7.02 -22.86 -4.75
N HIS A 55 7.16 -22.25 -3.59
CA HIS A 55 8.30 -22.50 -2.69
C HIS A 55 9.56 -21.80 -3.22
N GLU A 56 9.32 -20.81 -4.06
CA GLU A 56 10.40 -20.01 -4.67
C GLU A 56 10.85 -18.91 -3.71
N ALA A 57 9.88 -18.45 -2.92
CA ALA A 57 10.09 -17.40 -1.91
C ALA A 57 9.53 -17.85 -0.56
N ASP A 58 9.63 -16.97 0.41
CA ASP A 58 9.17 -17.27 1.78
C ASP A 58 8.25 -16.18 2.35
N ALA A 59 8.41 -14.96 1.88
CA ALA A 59 7.57 -13.86 2.42
C ALA A 59 7.52 -12.62 1.52
N VAL A 60 6.52 -11.83 1.89
CA VAL A 60 6.17 -10.53 1.29
C VAL A 60 5.17 -9.83 2.19
N THR A 61 5.13 -8.52 2.08
CA THR A 61 4.17 -7.70 2.84
C THR A 61 3.11 -7.17 1.87
N LEU A 62 1.92 -7.66 2.08
CA LEU A 62 0.77 -7.32 1.23
C LEU A 62 -0.26 -6.49 1.95
N ASP A 63 -0.96 -5.72 1.16
CA ASP A 63 -2.06 -4.91 1.64
C ASP A 63 -3.15 -5.80 2.11
N ALA A 64 -4.08 -5.27 3.08
CA ALA A 64 -4.83 -6.35 3.53
C ALA A 64 -5.82 -6.81 2.51
N GLY A 65 -6.18 -6.04 1.50
CA GLY A 65 -7.09 -6.61 0.48
C GLY A 65 -6.31 -7.74 -0.28
N LEU A 66 -5.00 -7.60 -0.28
CA LEU A 66 -4.11 -8.52 -1.00
C LEU A 66 -3.88 -9.73 -0.11
N VAL A 67 -3.87 -9.43 1.27
CA VAL A 67 -3.67 -10.60 2.10
C VAL A 67 -4.84 -11.50 1.84
N HIS A 68 -5.98 -10.92 1.69
CA HIS A 68 -7.13 -11.69 1.40
C HIS A 68 -6.99 -12.56 0.15
N GLU A 69 -6.76 -11.98 -1.01
CA GLU A 69 -6.88 -12.84 -2.19
C GLU A 69 -5.78 -13.87 -2.29
N ALA A 70 -4.78 -13.59 -1.46
CA ALA A 70 -3.60 -14.44 -1.26
C ALA A 70 -4.00 -15.72 -0.46
N GLY A 71 -5.13 -15.65 0.27
CA GLY A 71 -5.62 -16.83 1.01
C GLY A 71 -6.35 -17.75 0.01
N LEU A 72 -6.61 -17.20 -1.18
CA LEU A 72 -7.37 -17.96 -2.19
C LEU A 72 -6.51 -19.19 -2.65
N THR A 73 -7.21 -20.03 -3.37
CA THR A 73 -6.81 -21.33 -3.86
C THR A 73 -6.53 -22.31 -2.62
N PRO A 74 -6.70 -23.50 -3.05
CA PRO A 74 -6.48 -24.83 -2.44
C PRO A 74 -5.42 -24.93 -1.37
N ASN A 75 -4.98 -23.83 -0.93
CA ASN A 75 -3.86 -23.86 -0.10
C ASN A 75 -3.01 -22.67 -0.45
N ASN A 76 -3.49 -21.47 -0.08
CA ASN A 76 -2.58 -20.41 -0.29
C ASN A 76 -2.06 -19.91 1.04
N LEU A 77 -1.57 -18.75 1.05
CA LEU A 77 -0.74 -18.27 2.20
C LEU A 77 -1.48 -17.78 3.41
N LYS A 78 -0.75 -17.33 4.42
CA LYS A 78 -1.42 -16.74 5.60
C LYS A 78 -0.61 -15.67 6.26
N PRO A 79 -1.27 -14.71 6.95
CA PRO A 79 -0.56 -13.65 7.70
C PRO A 79 0.12 -14.21 8.98
N VAL A 80 1.29 -13.69 9.16
CA VAL A 80 2.19 -14.20 10.14
C VAL A 80 2.77 -13.04 10.95
N VAL A 81 2.93 -11.93 10.28
CA VAL A 81 3.41 -10.72 10.94
C VAL A 81 2.62 -9.54 10.41
N ALA A 82 2.26 -8.64 11.30
CA ALA A 82 1.44 -7.47 10.96
C ALA A 82 2.11 -6.22 11.48
N GLU A 83 2.00 -5.12 10.73
CA GLU A 83 2.62 -3.87 11.20
C GLU A 83 1.62 -3.06 12.00
N PHE A 84 2.15 -2.16 12.82
CA PHE A 84 1.27 -1.39 13.70
C PHE A 84 1.65 0.06 13.94
N TYR A 85 0.95 0.71 13.13
CA TYR A 85 0.96 2.09 12.77
C TYR A 85 0.65 3.26 13.76
N GLY A 86 0.84 3.39 15.04
CA GLY A 86 0.44 4.77 15.53
C GLY A 86 1.57 5.49 16.25
N SER A 87 2.15 4.63 17.02
CA SER A 87 3.18 4.87 17.97
C SER A 87 3.75 3.54 18.42
N LYS A 88 4.57 3.78 19.41
CA LYS A 88 5.26 2.80 20.26
C LYS A 88 4.56 2.87 21.61
N GLU A 89 3.89 4.03 21.71
CA GLU A 89 3.09 4.47 22.86
C GLU A 89 1.63 3.98 22.72
N ASN A 90 1.03 4.21 21.55
CA ASN A 90 -0.38 3.79 21.25
C ASN A 90 -0.43 3.05 19.90
N PRO A 91 0.26 1.91 19.74
CA PRO A 91 0.35 1.17 18.46
C PRO A 91 -0.82 1.39 17.53
N LYS A 92 -1.71 0.41 17.37
CA LYS A 92 -2.82 0.62 16.41
C LYS A 92 -2.66 -0.26 15.18
N THR A 93 -3.56 -1.18 15.00
CA THR A 93 -3.44 -2.09 13.88
C THR A 93 -4.39 -1.75 12.73
N PHE A 94 -4.37 -0.52 12.27
CA PHE A 94 -5.22 -0.14 11.14
C PHE A 94 -5.00 1.29 10.73
N TYR A 95 -5.63 1.60 9.64
CA TYR A 95 -5.61 2.97 9.17
C TYR A 95 -6.93 3.25 8.47
N TYR A 96 -6.96 4.40 7.87
CA TYR A 96 -8.14 4.89 7.17
C TYR A 96 -7.88 5.16 5.69
N ALA A 97 -8.92 4.83 4.98
CA ALA A 97 -9.06 5.13 3.59
C ALA A 97 -9.67 6.52 3.54
N VAL A 98 -9.12 7.35 2.70
CA VAL A 98 -9.62 8.72 2.52
C VAL A 98 -9.56 9.07 1.03
N ALA A 99 -10.49 9.92 0.63
CA ALA A 99 -10.53 10.44 -0.76
C ALA A 99 -9.96 11.86 -0.73
N LEU A 100 -8.78 11.97 -1.27
CA LEU A 100 -7.99 13.22 -1.22
C LEU A 100 -8.16 13.87 -2.58
N VAL A 101 -8.38 15.15 -2.48
CA VAL A 101 -8.76 15.98 -3.62
C VAL A 101 -8.12 17.36 -3.51
N LYS A 102 -8.32 18.14 -4.54
CA LYS A 102 -7.77 19.49 -4.56
C LYS A 102 -8.82 20.53 -4.21
N LYS A 103 -8.46 21.28 -3.20
CA LYS A 103 -9.21 22.44 -2.73
C LYS A 103 -9.79 23.21 -3.93
N GLY A 104 -11.09 23.43 -3.87
CA GLY A 104 -11.82 24.26 -4.86
C GLY A 104 -12.27 23.49 -6.13
N SER A 105 -12.52 22.21 -6.06
CA SER A 105 -13.00 21.51 -7.27
C SER A 105 -14.44 21.09 -7.08
N ASN A 106 -15.09 22.00 -6.38
CA ASN A 106 -16.50 21.93 -5.94
C ASN A 106 -17.23 20.68 -6.33
N PHE A 107 -16.61 19.57 -6.16
CA PHE A 107 -17.35 18.34 -6.39
C PHE A 107 -17.24 17.55 -5.11
N GLN A 108 -18.29 16.83 -4.80
CA GLN A 108 -18.38 16.04 -3.57
C GLN A 108 -18.41 14.54 -3.94
N LEU A 109 -18.35 13.67 -2.94
CA LEU A 109 -18.34 12.20 -3.15
C LEU A 109 -19.49 11.78 -4.09
N ASN A 110 -20.38 12.72 -4.21
CA ASN A 110 -21.59 12.64 -5.00
C ASN A 110 -21.33 12.60 -6.50
N GLU A 111 -20.51 13.53 -6.90
CA GLU A 111 -20.28 13.84 -8.30
C GLU A 111 -18.95 13.31 -8.91
N LEU A 112 -18.37 12.31 -8.27
CA LEU A 112 -17.14 11.59 -8.78
C LEU A 112 -17.38 11.20 -10.23
N GLN A 113 -18.63 11.38 -10.51
CA GLN A 113 -19.30 11.14 -11.76
C GLN A 113 -18.37 10.99 -12.93
N GLY A 114 -18.21 12.02 -13.73
CA GLY A 114 -17.38 11.85 -14.94
C GLY A 114 -15.89 12.22 -14.70
N LYS A 115 -15.45 12.10 -13.45
CA LYS A 115 -14.08 12.55 -13.04
C LYS A 115 -13.03 11.43 -13.21
N LYS A 116 -11.77 11.85 -13.30
CA LYS A 116 -10.63 10.91 -13.49
C LYS A 116 -10.03 10.60 -12.14
N SER A 117 -9.61 9.40 -11.85
CA SER A 117 -9.15 9.21 -10.46
C SER A 117 -7.85 8.47 -10.34
N CYS A 118 -7.34 8.51 -9.15
CA CYS A 118 -6.06 7.85 -8.85
C CYS A 118 -6.15 6.86 -7.75
N HIS A 119 -5.56 5.72 -8.06
CA HIS A 119 -5.43 4.64 -7.12
C HIS A 119 -3.97 4.17 -7.00
N THR A 120 -3.94 3.46 -5.88
CA THR A 120 -2.85 2.71 -5.31
C THR A 120 -2.68 1.44 -6.12
N GLY A 121 -3.74 0.68 -6.27
CA GLY A 121 -3.64 -0.55 -7.05
C GLY A 121 -4.94 -1.33 -7.00
N LEU A 122 -5.00 -2.27 -7.90
CA LEU A 122 -6.19 -3.10 -8.03
C LEU A 122 -6.26 -4.15 -6.92
N GLY A 123 -7.29 -3.98 -6.12
CA GLY A 123 -7.64 -4.92 -5.05
C GLY A 123 -7.07 -4.52 -3.68
N ARG A 124 -6.53 -3.31 -3.54
CA ARG A 124 -6.02 -2.88 -2.23
C ARG A 124 -7.15 -2.17 -1.48
N SER A 125 -6.99 -2.08 -0.17
CA SER A 125 -7.99 -1.54 0.76
C SER A 125 -8.40 -0.08 0.44
N ALA A 126 -7.55 0.87 0.76
CA ALA A 126 -7.90 2.26 0.53
C ALA A 126 -7.92 2.62 -0.98
N GLY A 127 -7.09 1.93 -1.76
CA GLY A 127 -6.89 2.27 -3.20
C GLY A 127 -8.00 1.77 -4.16
N TRP A 128 -8.76 0.77 -3.74
CA TRP A 128 -9.75 0.17 -4.64
C TRP A 128 -10.98 -0.45 -3.92
N ASN A 129 -10.75 -1.33 -2.96
CA ASN A 129 -11.85 -2.08 -2.29
C ASN A 129 -12.91 -1.16 -1.68
N ILE A 130 -12.40 -0.31 -0.85
CA ILE A 130 -13.21 0.61 -0.13
C ILE A 130 -13.90 1.58 -1.13
N PRO A 131 -13.26 2.53 -1.86
CA PRO A 131 -13.95 3.47 -2.80
C PRO A 131 -14.96 2.85 -3.80
N ILE A 132 -14.66 1.67 -4.32
CA ILE A 132 -15.54 0.98 -5.30
C ILE A 132 -16.73 0.40 -4.53
N GLY A 133 -16.45 -0.17 -3.39
CA GLY A 133 -17.54 -0.62 -2.54
C GLY A 133 -18.53 0.55 -2.39
N LEU A 134 -17.99 1.69 -1.97
CA LEU A 134 -18.80 2.91 -1.75
C LEU A 134 -19.59 3.28 -3.02
N LEU A 135 -18.89 3.15 -4.14
CA LEU A 135 -19.35 3.62 -5.43
C LEU A 135 -20.27 2.73 -6.27
N TYR A 136 -20.24 1.42 -6.20
CA TYR A 136 -21.11 0.80 -7.21
C TYR A 136 -22.57 0.89 -6.79
N CYS A 137 -23.37 0.10 -7.44
CA CYS A 137 -24.80 0.27 -7.34
C CYS A 137 -25.08 1.31 -8.41
N ASP A 138 -24.36 2.44 -8.22
CA ASP A 138 -24.41 3.61 -9.12
C ASP A 138 -23.68 3.26 -10.42
N LEU A 139 -22.52 2.62 -10.27
CA LEU A 139 -21.82 2.18 -11.46
C LEU A 139 -22.77 1.48 -12.43
N PRO A 140 -22.52 1.89 -13.66
CA PRO A 140 -23.13 1.42 -14.88
C PRO A 140 -23.56 -0.06 -14.67
N GLU A 141 -24.81 -0.40 -15.08
CA GLU A 141 -25.45 -1.76 -14.84
C GLU A 141 -24.58 -2.90 -15.34
N PRO A 142 -24.38 -2.92 -16.59
CA PRO A 142 -23.33 -3.67 -17.20
C PRO A 142 -22.21 -3.58 -16.21
N ARG A 143 -22.49 -4.05 -15.01
CA ARG A 143 -21.54 -4.04 -13.88
C ARG A 143 -20.80 -5.37 -13.82
N LYS A 144 -20.98 -6.08 -14.95
CA LYS A 144 -20.41 -7.41 -15.25
C LYS A 144 -19.06 -7.51 -14.59
N PRO A 145 -18.02 -7.08 -15.27
CA PRO A 145 -16.75 -6.87 -14.65
C PRO A 145 -16.88 -5.66 -13.78
N LEU A 146 -16.25 -5.68 -12.63
CA LEU A 146 -16.24 -4.48 -11.84
C LEU A 146 -15.32 -3.50 -12.57
N GLU A 147 -14.14 -3.98 -12.90
CA GLU A 147 -13.15 -3.14 -13.60
C GLU A 147 -13.80 -2.39 -14.78
N LYS A 148 -14.74 -3.08 -15.46
CA LYS A 148 -15.40 -2.54 -16.68
C LYS A 148 -16.52 -1.53 -16.42
N ALA A 149 -17.17 -1.60 -15.30
CA ALA A 149 -18.17 -0.59 -14.98
C ALA A 149 -17.41 0.62 -14.44
N VAL A 150 -16.32 0.32 -13.74
CA VAL A 150 -15.48 1.41 -13.19
C VAL A 150 -14.81 2.18 -14.35
N ALA A 151 -14.54 1.48 -15.47
CA ALA A 151 -13.90 2.08 -16.69
C ALA A 151 -14.91 2.98 -17.34
N SER A 152 -16.04 2.36 -17.31
CA SER A 152 -17.25 2.90 -17.79
C SER A 152 -17.73 4.05 -16.90
N PHE A 153 -17.24 4.20 -15.68
CA PHE A 153 -17.85 5.21 -14.76
C PHE A 153 -17.01 6.49 -14.53
N PHE A 154 -15.69 6.37 -14.36
CA PHE A 154 -14.82 7.57 -14.25
C PHE A 154 -14.60 8.04 -15.70
N SER A 155 -13.41 8.45 -16.08
CA SER A 155 -13.17 8.82 -17.51
C SER A 155 -11.69 9.13 -17.73
N GLY A 156 -10.94 8.48 -16.86
CA GLY A 156 -9.49 8.54 -16.77
C GLY A 156 -9.13 8.03 -15.38
N SER A 157 -8.22 7.10 -15.35
CA SER A 157 -7.82 6.50 -14.07
C SER A 157 -6.42 5.93 -14.12
N CYS A 158 -5.80 5.89 -12.99
CA CYS A 158 -4.59 5.14 -12.87
C CYS A 158 -4.77 4.13 -11.78
N VAL A 159 -5.07 2.93 -12.22
CA VAL A 159 -5.20 1.80 -11.32
C VAL A 159 -4.07 0.84 -11.58
N PRO A 160 -2.96 0.99 -10.91
CA PRO A 160 -1.85 0.10 -11.12
C PRO A 160 -2.24 -1.34 -10.92
N CYS A 161 -1.56 -2.17 -11.70
CA CYS A 161 -1.43 -3.67 -11.54
C CYS A 161 -2.91 -4.21 -12.20
N ALA A 162 -3.57 -3.34 -12.96
CA ALA A 162 -4.81 -3.65 -13.68
C ALA A 162 -4.51 -4.05 -15.12
N ASP A 163 -5.63 -4.35 -15.71
CA ASP A 163 -5.84 -5.04 -16.99
C ASP A 163 -6.66 -6.20 -16.40
N GLN A 169 -8.82 0.45 -21.26
CA GLN A 169 -8.80 -0.04 -19.87
C GLN A 169 -8.37 1.22 -19.04
N LEU A 170 -8.30 1.08 -17.71
CA LEU A 170 -8.09 2.25 -16.80
C LEU A 170 -6.62 2.45 -16.33
N CYS A 171 -5.84 2.69 -17.36
CA CYS A 171 -4.36 2.90 -17.22
C CYS A 171 -4.03 4.09 -18.14
N GLN A 172 -5.06 4.89 -18.23
CA GLN A 172 -5.07 6.12 -18.98
C GLN A 172 -4.13 7.16 -18.40
N LEU A 173 -3.86 7.09 -17.13
CA LEU A 173 -2.98 8.08 -16.51
C LEU A 173 -1.57 7.51 -16.27
N CYS A 174 -1.45 6.22 -16.45
CA CYS A 174 -0.18 5.49 -16.31
C CYS A 174 -0.25 4.29 -17.25
N PRO A 175 -0.13 4.58 -18.54
CA PRO A 175 -0.28 3.62 -19.64
C PRO A 175 0.52 2.36 -19.45
N GLY A 176 -0.17 1.31 -19.07
CA GLY A 176 0.48 0.02 -18.81
C GLY A 176 0.06 -0.48 -17.42
N CYS A 177 -0.22 0.45 -16.52
CA CYS A 177 -0.71 0.09 -15.18
C CYS A 177 0.29 -0.84 -14.48
N GLY A 178 1.48 -0.31 -14.23
CA GLY A 178 2.64 -1.07 -13.66
C GLY A 178 2.71 -1.02 -12.14
N CYS A 179 3.78 -1.61 -11.59
CA CYS A 179 3.91 -1.69 -10.13
C CYS A 179 5.38 -1.45 -9.59
N SER A 180 5.52 -0.13 -9.26
CA SER A 180 6.62 0.66 -8.54
C SER A 180 7.69 1.39 -9.36
N SER A 181 8.04 0.91 -10.52
CA SER A 181 8.89 1.72 -11.38
C SER A 181 7.93 2.59 -12.18
N SER A 182 6.64 2.47 -11.84
CA SER A 182 5.60 3.35 -12.41
C SER A 182 5.75 4.65 -11.65
N GLN A 183 5.69 5.73 -12.38
CA GLN A 183 5.96 7.07 -11.84
C GLN A 183 4.72 7.78 -11.24
N PRO A 184 3.99 8.57 -12.05
CA PRO A 184 2.83 9.38 -11.58
C PRO A 184 1.67 8.53 -11.15
N TYR A 185 1.98 7.27 -11.06
CA TYR A 185 1.08 6.20 -10.68
C TYR A 185 1.87 5.32 -9.68
N PHE A 186 1.20 4.25 -9.38
CA PHE A 186 1.56 3.08 -8.53
C PHE A 186 1.10 3.16 -7.04
N GLY A 187 1.95 3.09 -6.03
CA GLY A 187 1.48 3.04 -4.58
C GLY A 187 0.62 4.26 -4.13
N TYR A 188 0.70 4.50 -2.80
CA TYR A 188 0.03 5.63 -2.06
C TYR A 188 0.53 6.93 -2.68
N SER A 189 1.79 6.92 -2.45
CA SER A 189 2.84 7.78 -2.90
C SER A 189 2.61 8.32 -4.28
N GLY A 190 2.33 7.36 -5.14
CA GLY A 190 2.15 7.59 -6.56
C GLY A 190 0.72 7.91 -6.91
N ALA A 191 -0.23 7.54 -6.09
CA ALA A 191 -1.62 7.92 -6.39
C ALA A 191 -1.73 9.44 -6.14
N PHE A 192 -1.06 9.82 -5.08
CA PHE A 192 -1.01 11.18 -4.59
C PHE A 192 -0.26 12.09 -5.58
N LYS A 193 0.61 11.44 -6.35
CA LYS A 193 1.42 12.11 -7.39
C LYS A 193 0.58 12.26 -8.65
N CYS A 194 -0.30 11.31 -8.76
CA CYS A 194 -1.31 11.30 -9.79
C CYS A 194 -2.28 12.49 -9.53
N LEU A 195 -2.43 12.88 -8.27
CA LEU A 195 -3.42 13.93 -7.89
C LEU A 195 -2.81 15.35 -8.09
N LYS A 196 -1.54 15.43 -7.73
CA LYS A 196 -0.70 16.56 -8.02
C LYS A 196 -0.51 16.64 -9.56
N ASP A 197 -1.65 16.73 -10.25
CA ASP A 197 -1.65 16.85 -11.73
C ASP A 197 -2.27 15.62 -12.40
N GLY A 198 -3.42 15.68 -13.03
CA GLY A 198 -3.85 14.49 -13.78
C GLY A 198 -5.13 13.83 -13.29
N LEU A 199 -5.33 13.85 -12.01
CA LEU A 199 -6.52 13.22 -11.44
C LEU A 199 -7.60 14.20 -11.11
N GLY A 200 -8.74 14.01 -11.76
CA GLY A 200 -9.89 14.77 -11.36
C GLY A 200 -9.86 14.63 -9.84
N ASP A 201 -9.12 15.54 -9.28
CA ASP A 201 -8.80 15.62 -7.83
C ASP A 201 -9.29 14.43 -6.99
N VAL A 202 -9.21 13.25 -7.53
CA VAL A 202 -9.53 12.06 -6.72
C VAL A 202 -8.28 11.20 -6.60
N ALA A 203 -7.78 11.11 -5.39
CA ALA A 203 -6.72 10.15 -5.09
C ALA A 203 -7.17 9.35 -3.87
N PHE A 204 -7.40 8.09 -4.07
CA PHE A 204 -7.75 7.26 -2.94
C PHE A 204 -6.49 6.71 -2.33
N VAL A 205 -6.22 7.28 -1.16
CA VAL A 205 -5.11 6.91 -0.29
C VAL A 205 -5.64 6.58 1.14
N LYS A 206 -4.56 6.51 1.89
CA LYS A 206 -4.36 6.30 3.32
C LYS A 206 -4.39 7.69 3.92
N GLN A 207 -4.52 7.84 5.20
CA GLN A 207 -4.67 9.21 5.70
C GLN A 207 -3.35 9.90 5.97
N GLU A 208 -2.32 9.10 6.06
CA GLU A 208 -1.00 9.59 6.49
C GLU A 208 -0.06 9.98 5.34
N THR A 209 -0.68 9.92 4.16
CA THR A 209 -0.05 10.06 2.83
C THR A 209 0.38 11.52 2.51
N ILE A 210 -0.53 12.48 2.71
CA ILE A 210 -0.18 13.91 2.47
C ILE A 210 0.95 14.39 3.39
N PHE A 211 0.97 13.94 4.63
CA PHE A 211 2.03 14.37 5.56
C PHE A 211 3.34 13.66 5.28
N GLU A 212 3.26 12.56 4.58
CA GLU A 212 4.48 11.88 4.20
C GLU A 212 5.14 12.72 3.11
N ASN A 213 4.35 13.02 2.14
CA ASN A 213 4.82 13.77 0.99
C ASN A 213 4.98 15.27 1.30
N LEU A 214 4.20 15.82 2.23
CA LEU A 214 4.24 17.29 2.40
C LEU A 214 4.33 17.83 3.84
N PRO A 215 5.55 18.17 4.23
CA PRO A 215 5.86 18.80 5.53
C PRO A 215 5.54 20.31 5.54
N SER A 216 4.96 20.81 4.44
CA SER A 216 4.58 22.25 4.30
C SER A 216 3.06 22.41 4.32
N LYS A 217 2.65 23.00 5.42
CA LYS A 217 1.25 23.28 5.76
C LYS A 217 0.54 24.00 4.61
N ASP A 218 1.23 24.98 4.06
CA ASP A 218 0.73 25.87 2.99
C ASP A 218 0.32 25.09 1.75
N GLU A 219 1.17 24.15 1.37
CA GLU A 219 0.86 23.33 0.20
C GLU A 219 -0.20 22.32 0.56
N ARG A 220 -0.17 21.93 1.81
CA ARG A 220 -1.13 20.97 2.34
C ARG A 220 -2.50 21.62 2.54
N ASP A 221 -2.54 22.94 2.57
CA ASP A 221 -3.82 23.66 2.69
C ASP A 221 -4.46 23.76 1.27
N GLN A 222 -3.77 23.13 0.32
CA GLN A 222 -4.12 23.14 -1.14
C GLN A 222 -5.02 21.95 -1.55
N TYR A 223 -5.18 21.03 -0.58
CA TYR A 223 -6.00 19.82 -0.75
C TYR A 223 -6.97 19.65 0.43
N GLU A 224 -8.01 18.87 0.12
CA GLU A 224 -9.06 18.50 1.07
C GLU A 224 -9.46 17.04 0.88
N LEU A 225 -10.30 16.65 1.82
CA LEU A 225 -10.89 15.31 1.92
C LEU A 225 -12.36 15.36 1.46
N LEU A 226 -12.80 14.21 0.99
CA LEU A 226 -14.19 13.95 0.58
C LEU A 226 -14.81 13.04 1.64
N CYS A 227 -15.99 13.41 2.13
CA CYS A 227 -16.69 12.62 3.25
C CYS A 227 -18.03 12.16 2.80
N LEU A 228 -18.40 11.09 3.47
CA LEU A 228 -19.65 10.37 3.21
C LEU A 228 -20.88 11.32 3.38
N ASP A 229 -20.68 12.16 4.41
CA ASP A 229 -21.58 13.20 4.99
C ASP A 229 -21.40 14.47 4.17
N ASN A 230 -21.57 14.07 2.98
CA ASN A 230 -21.36 14.68 1.70
C ASN A 230 -20.77 16.04 1.78
N THR A 231 -19.52 16.00 2.18
CA THR A 231 -18.84 17.20 2.56
C THR A 231 -17.30 17.05 2.51
N ARG A 232 -16.68 18.16 2.15
CA ARG A 232 -15.22 18.30 2.05
C ARG A 232 -14.68 18.86 3.35
N LYS A 233 -13.50 18.39 3.70
CA LYS A 233 -12.86 18.81 4.92
C LYS A 233 -11.33 18.79 4.89
N PRO A 234 -10.77 19.72 5.65
CA PRO A 234 -9.33 19.83 5.94
C PRO A 234 -8.68 18.49 6.20
N VAL A 235 -7.56 18.27 5.52
CA VAL A 235 -6.87 16.95 5.58
C VAL A 235 -6.33 16.61 6.97
N ASP A 236 -6.51 17.52 7.91
CA ASP A 236 -6.04 17.30 9.29
C ASP A 236 -7.08 16.54 10.12
N GLU A 237 -8.34 16.69 9.79
CA GLU A 237 -9.39 15.99 10.53
C GLU A 237 -10.01 14.89 9.68
N TYR A 238 -9.23 13.83 9.55
CA TYR A 238 -9.60 12.67 8.74
C TYR A 238 -10.36 11.62 9.54
N GLU A 239 -10.32 11.74 10.86
CA GLU A 239 -11.05 10.81 11.74
C GLU A 239 -12.55 11.09 11.64
N GLN A 240 -12.81 12.22 10.99
CA GLN A 240 -14.15 12.80 10.80
C GLN A 240 -14.57 12.77 9.34
N CYS A 241 -13.56 12.77 8.49
CA CYS A 241 -13.77 12.51 7.07
C CYS A 241 -12.85 11.39 6.63
N HIS A 242 -13.26 10.19 6.78
CA HIS A 242 -12.47 9.10 6.21
C HIS A 242 -13.44 8.06 5.68
N LEU A 243 -13.22 7.70 4.44
CA LEU A 243 -14.07 6.73 3.73
C LEU A 243 -14.35 5.48 4.60
N ALA A 244 -13.30 4.93 5.21
CA ALA A 244 -13.46 3.71 6.05
C ALA A 244 -12.19 3.39 6.86
N ARG A 245 -12.30 2.33 7.64
CA ARG A 245 -11.19 1.80 8.48
C ARG A 245 -10.68 0.53 7.81
N VAL A 246 -9.41 0.28 7.89
CA VAL A 246 -8.84 -0.83 7.12
C VAL A 246 -7.90 -1.65 8.00
N PRO A 247 -7.79 -2.99 7.86
CA PRO A 247 -7.01 -3.78 8.79
C PRO A 247 -5.54 -3.53 8.87
N SER A 248 -4.80 -3.38 7.82
CA SER A 248 -3.38 -3.22 8.10
C SER A 248 -2.59 -4.21 7.25
N HIS A 249 -1.35 -3.86 6.97
CA HIS A 249 -0.48 -4.67 6.11
C HIS A 249 0.20 -5.75 6.95
N ALA A 250 0.20 -6.95 6.43
CA ALA A 250 0.82 -8.09 7.13
C ALA A 250 1.71 -8.83 6.15
N VAL A 251 2.65 -9.58 6.70
CA VAL A 251 3.49 -10.44 5.87
C VAL A 251 3.00 -11.87 5.97
N VAL A 252 2.80 -12.36 4.78
CA VAL A 252 2.30 -13.68 4.55
C VAL A 252 3.39 -14.63 4.13
N ALA A 253 3.20 -15.72 4.79
CA ALA A 253 3.92 -16.93 4.62
C ALA A 253 2.90 -18.03 4.48
N ARG A 254 3.34 -18.96 3.69
CA ARG A 254 2.63 -20.19 3.45
C ARG A 254 2.03 -20.68 4.74
N SER A 255 0.93 -21.37 4.57
CA SER A 255 0.20 -21.97 5.67
C SER A 255 1.01 -23.14 6.22
N VAL A 256 1.28 -24.10 5.38
CA VAL A 256 2.05 -25.25 5.83
C VAL A 256 3.36 -25.43 5.10
N ASP A 257 4.33 -25.30 5.99
CA ASP A 257 5.75 -25.48 5.76
C ASP A 257 6.47 -24.15 5.55
N GLY A 258 5.73 -23.06 5.71
CA GLY A 258 6.33 -21.72 5.64
C GLY A 258 7.35 -21.62 6.79
N LYS A 259 8.14 -20.57 6.84
CA LYS A 259 9.15 -20.42 7.94
C LYS A 259 8.70 -19.33 8.93
N GLU A 260 7.47 -19.53 9.38
CA GLU A 260 6.70 -18.65 10.29
C GLU A 260 7.52 -18.10 11.48
N ASP A 261 7.97 -19.01 12.33
CA ASP A 261 8.71 -18.63 13.57
C ASP A 261 10.10 -18.00 13.26
N LEU A 262 10.58 -18.29 12.06
CA LEU A 262 11.86 -17.80 11.51
C LEU A 262 11.69 -16.37 11.03
N ILE A 263 10.65 -16.31 10.24
CA ILE A 263 10.11 -15.13 9.61
C ILE A 263 9.88 -14.08 10.69
N TRP A 264 9.19 -14.46 11.74
CA TRP A 264 8.96 -13.56 12.88
C TRP A 264 10.23 -13.37 13.69
N GLU A 265 11.23 -14.16 13.39
CA GLU A 265 12.50 -14.13 14.14
C GLU A 265 13.39 -13.07 13.59
N LEU A 266 13.33 -13.11 12.32
CA LEU A 266 13.91 -12.14 11.50
C LEU A 266 13.33 -10.80 11.93
N LEU A 267 12.14 -10.59 11.43
CA LEU A 267 11.40 -9.35 11.60
C LEU A 267 11.50 -8.76 13.01
N ASN A 268 11.40 -9.55 14.03
CA ASN A 268 11.39 -9.00 15.40
C ASN A 268 12.75 -8.45 15.88
N GLN A 269 13.85 -8.93 15.31
CA GLN A 269 15.22 -8.51 15.74
C GLN A 269 15.78 -7.39 14.85
N ALA A 270 15.16 -7.34 13.68
CA ALA A 270 15.41 -6.33 12.66
C ALA A 270 14.59 -5.06 12.95
N GLN A 271 13.81 -5.08 14.01
CA GLN A 271 12.97 -3.91 14.36
C GLN A 271 13.51 -3.23 15.65
N GLU A 272 14.45 -3.95 16.28
CA GLU A 272 15.19 -3.55 17.53
C GLU A 272 16.41 -2.75 17.09
N HIS A 273 17.07 -3.32 16.14
CA HIS A 273 17.99 -2.58 15.33
C HIS A 273 17.08 -2.17 14.21
N PHE A 274 17.25 -0.98 13.71
CA PHE A 274 16.56 -0.55 12.47
C PHE A 274 15.03 -0.28 12.59
N GLY A 275 14.50 -0.18 13.79
CA GLY A 275 13.05 0.04 14.01
C GLY A 275 12.64 1.49 13.65
N LYS A 276 11.73 2.02 14.44
CA LYS A 276 11.20 3.38 14.22
C LYS A 276 12.28 4.45 14.43
N ASP A 277 12.64 4.68 15.68
CA ASP A 277 13.57 5.76 16.05
C ASP A 277 15.05 5.33 16.07
N LYS A 278 15.66 5.37 14.89
CA LYS A 278 17.10 5.06 14.74
C LYS A 278 17.56 5.24 13.28
N SER A 279 18.83 5.59 13.20
CA SER A 279 19.53 5.84 11.93
C SER A 279 20.71 4.87 11.80
N GLY A 280 20.38 3.61 11.61
CA GLY A 280 21.37 2.52 11.44
C GLY A 280 21.58 2.25 9.96
N ASP A 281 22.18 3.23 9.32
CA ASP A 281 22.41 3.20 7.88
C ASP A 281 21.25 2.53 7.19
N PHE A 282 20.78 1.48 7.82
CA PHE A 282 19.69 0.69 7.25
C PHE A 282 18.34 1.38 7.44
N GLN A 283 17.69 1.12 8.54
CA GLN A 283 16.37 1.72 8.76
C GLN A 283 15.31 0.96 7.98
N LEU A 284 14.53 0.28 8.77
CA LEU A 284 13.43 -0.53 8.30
C LEU A 284 12.45 0.30 7.45
N PHE A 285 11.72 1.14 8.17
CA PHE A 285 10.52 1.87 7.66
C PHE A 285 10.77 3.16 6.84
N SER A 286 11.82 3.16 6.04
CA SER A 286 12.16 4.29 5.11
C SER A 286 13.46 3.93 4.39
N SER A 287 13.62 4.50 3.20
CA SER A 287 14.77 4.19 2.35
C SER A 287 14.96 5.21 1.21
N PRO A 288 16.22 5.38 0.77
CA PRO A 288 16.60 6.26 -0.34
C PRO A 288 16.09 5.79 -1.73
N HIS A 289 15.68 4.53 -1.87
CA HIS A 289 15.26 3.99 -3.20
C HIS A 289 13.82 4.33 -3.51
N GLY A 290 13.31 5.09 -2.56
CA GLY A 290 11.98 5.64 -2.63
C GLY A 290 11.14 5.38 -1.40
N LYS A 291 9.84 5.41 -1.63
CA LYS A 291 8.86 5.49 -0.53
C LYS A 291 8.50 4.23 0.27
N ASN A 292 7.49 3.49 -0.09
CA ASN A 292 7.06 2.39 0.82
C ASN A 292 7.54 1.00 0.39
N LEU A 293 8.85 0.81 0.38
CA LEU A 293 9.42 -0.48 -0.05
C LEU A 293 9.59 -1.50 1.11
N LEU A 294 9.07 -2.70 0.85
CA LEU A 294 9.17 -3.90 1.74
C LEU A 294 8.21 -3.83 2.96
N PHE A 295 7.99 -2.63 3.43
CA PHE A 295 7.09 -2.35 4.56
C PHE A 295 6.56 -0.93 4.33
N LYS A 296 5.58 -0.50 5.06
CA LYS A 296 5.10 0.87 4.85
C LYS A 296 5.88 1.83 5.74
N ASP A 297 6.10 3.01 5.22
CA ASP A 297 6.91 4.03 5.90
C ASP A 297 6.19 4.54 7.15
N SER A 298 4.89 4.42 7.11
CA SER A 298 4.02 4.84 8.21
C SER A 298 4.10 3.84 9.37
N ALA A 299 4.58 2.65 9.09
CA ALA A 299 4.68 1.61 10.13
C ALA A 299 5.62 2.06 11.24
N TYR A 300 5.40 1.39 12.35
CA TYR A 300 6.10 1.65 13.60
C TYR A 300 6.80 0.42 14.11
N GLY A 301 6.27 -0.69 13.70
CA GLY A 301 6.80 -1.96 14.12
C GLY A 301 5.93 -3.08 13.63
N PHE A 302 6.12 -4.17 14.34
CA PHE A 302 5.50 -5.43 14.04
C PHE A 302 4.97 -6.14 15.29
N PHE A 303 3.70 -6.49 15.16
CA PHE A 303 2.97 -7.32 16.12
C PHE A 303 2.79 -8.66 15.40
N LYS A 304 2.75 -9.75 16.14
CA LYS A 304 2.64 -11.09 15.52
C LYS A 304 1.20 -11.49 15.36
#